data_9DA4
#
_entry.id   9DA4
#
_cell.length_a   83.304
_cell.length_b   83.304
_cell.length_c   80.587
_cell.angle_alpha   90.00
_cell.angle_beta   90.00
_cell.angle_gamma   120.00
#
_symmetry.space_group_name_H-M   'P 61 2 2'
#
loop_
_entity.id
_entity.type
_entity.pdbx_description
1 polymer '5-hydroxymethyl-dUMP N-hydrolase'
2 non-polymer '{(3R,4R)-1-[(4-amino-5H-pyrrolo[3,2-d]pyrimidin-7-yl)methyl]-4-hydroxypyrrolidin-3-yl}methyl dihydrogen phosphate'
3 water water
#
_entity_poly.entity_id   1
_entity_poly.type   'polypeptide(L)'
_entity_poly.pdbx_seq_one_letter_code
;SMRPALYFCGSIRGGREDRTLYERIVSRLRRFGTVLTEHVAAAELGARGEEAAGGDRLIHEQDLEWLQQADVVVAEVTQP
SLGVGYELGRAVAFNKRILCLFRPQSGRVLSAMIRGAADGSRFQVWDYEEGEVEALLDRYFEADP
;
_entity_poly.pdbx_strand_id   A
#
loop_
_chem_comp.id
_chem_comp.type
_chem_comp.name
_chem_comp.formula
A1BBE non-polymer '{(3R,4R)-1-[(4-amino-5H-pyrrolo[3,2-d]pyrimidin-7-yl)methyl]-4-hydroxypyrrolidin-3-yl}methyl dihydrogen phosphate' 'C12 H18 N5 O5 P'
#
# COMPACT_ATOMS: atom_id res chain seq x y z
N SER A 1 5.82 19.68 -6.01
CA SER A 1 7.00 18.91 -5.58
C SER A 1 7.90 18.57 -6.77
N MET A 2 9.20 18.38 -6.52
CA MET A 2 10.07 18.02 -7.63
C MET A 2 9.93 16.56 -8.04
N ARG A 3 9.36 15.73 -7.17
CA ARG A 3 9.09 14.32 -7.43
C ARG A 3 7.71 13.97 -6.89
N PRO A 4 6.99 13.06 -7.54
CA PRO A 4 5.71 12.61 -6.99
C PRO A 4 5.91 11.97 -5.62
N ALA A 5 4.93 12.17 -4.74
CA ALA A 5 4.89 11.53 -3.43
C ALA A 5 4.03 10.29 -3.53
N LEU A 6 4.59 9.14 -3.13
CA LEU A 6 3.91 7.86 -3.21
C LEU A 6 3.73 7.26 -1.81
N TYR A 7 2.56 6.70 -1.56
CA TYR A 7 2.26 6.03 -0.30
C TYR A 7 2.03 4.56 -0.61
N PHE A 8 2.85 3.67 -0.03
CA PHE A 8 2.69 2.23 -0.23
C PHE A 8 2.03 1.57 0.95
N CYS A 9 0.98 0.77 0.69
CA CYS A 9 0.26 0.01 1.69
C CYS A 9 0.52 -1.48 1.51
N GLY A 10 0.79 -2.18 2.61
CA GLY A 10 0.87 -3.63 2.61
C GLY A 10 0.79 -4.12 4.04
N SER A 11 0.22 -5.30 4.22
CA SER A 11 -0.02 -5.81 5.58
C SER A 11 1.26 -5.82 6.42
N ILE A 12 1.14 -5.38 7.67
CA ILE A 12 2.22 -5.50 8.66
C ILE A 12 1.71 -6.27 9.87
N ARG A 13 0.88 -5.64 10.69
CA ARG A 13 0.32 -6.39 11.82
C ARG A 13 -0.71 -7.44 11.38
N GLY A 14 -1.28 -7.28 10.18
CA GLY A 14 -2.10 -8.34 9.62
C GLY A 14 -1.31 -9.58 9.30
N GLY A 15 0.01 -9.47 9.23
CA GLY A 15 0.85 -10.59 8.85
C GLY A 15 1.89 -10.13 7.88
N ARG A 16 3.11 -10.68 7.98
CA ARG A 16 4.25 -10.23 7.21
C ARG A 16 4.60 -11.17 6.07
N GLU A 17 3.69 -12.09 5.71
CA GLU A 17 3.93 -13.10 4.69
C GLU A 17 4.48 -12.52 3.38
N ASP A 18 4.01 -11.36 2.97
CA ASP A 18 4.39 -10.78 1.68
C ASP A 18 5.44 -9.68 1.81
N ARG A 19 6.12 -9.58 2.96
CA ARG A 19 7.06 -8.50 3.20
C ARG A 19 8.12 -8.37 2.10
N THR A 20 8.66 -9.50 1.62
CA THR A 20 9.72 -9.43 0.62
C THR A 20 9.19 -8.88 -0.71
N LEU A 21 7.97 -9.29 -1.08
CA LEU A 21 7.35 -8.75 -2.29
C LEU A 21 7.11 -7.25 -2.16
N TYR A 22 6.70 -6.79 -0.99
CA TYR A 22 6.49 -5.35 -0.80
C TYR A 22 7.78 -4.58 -1.03
N GLU A 23 8.90 -5.10 -0.55
CA GLU A 23 10.19 -4.45 -0.79
C GLU A 23 10.49 -4.38 -2.27
N ARG A 24 10.16 -5.44 -3.00
CA ARG A 24 10.34 -5.45 -4.45
C ARG A 24 9.47 -4.39 -5.11
N ILE A 25 8.22 -4.27 -4.66
CA ILE A 25 7.32 -3.28 -5.24
C ILE A 25 7.82 -1.87 -4.92
N VAL A 26 8.24 -1.63 -3.69
CA VAL A 26 8.70 -0.29 -3.29
C VAL A 26 9.96 0.08 -4.06
N SER A 27 10.86 -0.88 -4.27
CA SER A 27 12.06 -0.62 -5.06
C SER A 27 11.71 -0.12 -6.46
N ARG A 28 10.69 -0.70 -7.08
CA ARG A 28 10.30 -0.24 -8.41
C ARG A 28 9.57 1.09 -8.34
N LEU A 29 8.77 1.30 -7.29
CA LEU A 29 8.09 2.56 -7.10
C LEU A 29 9.07 3.72 -6.99
N ARG A 30 10.26 3.47 -6.44
CA ARG A 30 11.24 4.54 -6.28
C ARG A 30 11.69 5.11 -7.62
N ARG A 31 11.51 4.36 -8.71
CA ARG A 31 11.82 4.92 -10.02
C ARG A 31 10.87 6.04 -10.40
N PHE A 32 9.70 6.10 -9.76
CA PHE A 32 8.65 7.00 -10.18
C PHE A 32 8.32 8.08 -9.16
N GLY A 33 8.93 8.05 -7.98
CA GLY A 33 8.66 9.06 -6.99
C GLY A 33 9.24 8.67 -5.65
N THR A 34 8.99 9.54 -4.67
CA THR A 34 9.44 9.32 -3.30
C THR A 34 8.42 8.46 -2.57
N VAL A 35 8.86 7.38 -1.94
CA VAL A 35 7.94 6.46 -1.27
C VAL A 35 7.95 6.82 0.22
N LEU A 36 6.90 7.55 0.66
CA LEU A 36 6.91 8.13 2.00
C LEU A 36 6.94 7.08 3.10
N THR A 37 6.44 5.88 2.84
CA THR A 37 6.31 4.85 3.85
C THR A 37 7.49 3.88 3.86
N GLU A 38 8.50 4.13 3.01
CA GLU A 38 9.59 3.18 2.75
C GLU A 38 10.27 2.70 4.02
N HIS A 39 10.71 3.63 4.87
CA HIS A 39 11.61 3.29 5.97
C HIS A 39 10.92 2.86 7.25
N VAL A 40 9.59 2.92 7.30
CA VAL A 40 8.85 2.41 8.46
C VAL A 40 8.14 1.10 8.14
N ALA A 41 8.42 0.50 6.98
CA ALA A 41 7.73 -0.72 6.56
C ALA A 41 8.22 -1.97 7.31
N ALA A 42 9.47 -1.97 7.79
CA ALA A 42 10.08 -3.18 8.33
C ALA A 42 9.63 -3.47 9.76
N ALA A 43 9.23 -2.45 10.53
CA ALA A 43 8.72 -2.62 11.88
C ALA A 43 9.69 -3.42 12.74
N GLU A 44 10.95 -2.97 12.75
CA GLU A 44 12.02 -3.73 13.39
C GLU A 44 11.77 -3.93 14.88
N LEU A 45 11.07 -3.03 15.54
CA LEU A 45 10.82 -3.18 16.97
C LEU A 45 9.86 -4.32 17.26
N GLY A 46 9.16 -4.82 16.26
CA GLY A 46 8.11 -5.78 16.46
C GLY A 46 6.80 -5.10 16.83
N ALA A 47 5.69 -5.82 16.61
CA ALA A 47 4.40 -5.27 16.95
C ALA A 47 4.27 -5.04 18.45
N ARG A 48 4.66 -6.03 19.26
CA ARG A 48 4.62 -5.84 20.71
C ARG A 48 5.53 -4.71 21.14
N GLY A 49 6.71 -4.59 20.51
CA GLY A 49 7.63 -3.52 20.86
C GLY A 49 7.08 -2.13 20.54
N GLU A 50 6.46 -1.98 19.37
CA GLU A 50 5.88 -0.69 19.02
C GLU A 50 4.72 -0.34 19.94
N GLU A 51 3.86 -1.33 20.22
CA GLU A 51 2.78 -1.13 21.17
C GLU A 51 3.33 -0.71 22.52
N ALA A 52 4.38 -1.39 22.98
CA ALA A 52 4.97 -1.09 24.29
C ALA A 52 5.54 0.31 24.35
N ALA A 53 6.04 0.84 23.23
CA ALA A 53 6.52 2.22 23.22
C ALA A 53 5.37 3.22 23.25
N GLY A 54 4.13 2.76 23.13
CA GLY A 54 3.00 3.66 23.12
C GLY A 54 2.91 4.52 21.88
N GLY A 55 3.40 4.02 20.74
CA GLY A 55 3.53 4.83 19.55
C GLY A 55 2.40 4.72 18.54
N ASP A 56 1.33 3.99 18.85
CA ASP A 56 0.34 3.75 17.81
C ASP A 56 -0.40 5.03 17.40
N ARG A 57 -0.63 5.96 18.33
CA ARG A 57 -1.30 7.19 17.93
C ARG A 57 -0.40 7.99 16.98
N LEU A 58 0.90 8.08 17.29
CA LEU A 58 1.83 8.75 16.37
C LEU A 58 1.89 8.04 15.01
N ILE A 59 1.91 6.70 15.01
CA ILE A 59 1.88 5.96 13.75
C ILE A 59 0.66 6.36 12.94
N HIS A 60 -0.52 6.43 13.57
CA HIS A 60 -1.73 6.84 12.87
C HIS A 60 -1.61 8.27 12.36
N GLU A 61 -1.24 9.21 13.24
CA GLU A 61 -1.24 10.60 12.80
C GLU A 61 -0.18 10.90 11.75
N GLN A 62 1.04 10.40 11.94
CA GLN A 62 2.07 10.65 10.94
C GLN A 62 1.72 9.99 9.61
N ASP A 63 1.19 8.78 9.65
CA ASP A 63 0.87 8.14 8.39
C ASP A 63 -0.28 8.86 7.68
N LEU A 64 -1.20 9.47 8.45
CA LEU A 64 -2.27 10.23 7.82
C LEU A 64 -1.76 11.50 7.16
N GLU A 65 -0.69 12.12 7.71
CA GLU A 65 -0.02 13.23 7.03
C GLU A 65 0.57 12.78 5.70
N TRP A 66 1.31 11.68 5.70
CA TRP A 66 1.86 11.18 4.45
C TRP A 66 0.75 10.81 3.45
N LEU A 67 -0.34 10.21 3.94
CA LEU A 67 -1.42 9.83 3.05
C LEU A 67 -2.01 11.05 2.35
N GLN A 68 -2.10 12.18 3.07
CA GLN A 68 -2.67 13.34 2.40
C GLN A 68 -1.69 13.98 1.44
N GLN A 69 -0.38 13.85 1.70
CA GLN A 69 0.63 14.35 0.77
C GLN A 69 0.67 13.54 -0.52
N ALA A 70 0.26 12.28 -0.47
CA ALA A 70 0.54 11.35 -1.56
C ALA A 70 -0.14 11.79 -2.85
N ASP A 71 0.63 11.72 -3.94
CA ASP A 71 0.04 11.85 -5.27
C ASP A 71 -0.60 10.57 -5.75
N VAL A 72 -0.05 9.42 -5.37
CA VAL A 72 -0.63 8.12 -5.69
C VAL A 72 -0.50 7.25 -4.45
N VAL A 73 -1.55 6.48 -4.19
CA VAL A 73 -1.55 5.46 -3.14
C VAL A 73 -1.50 4.11 -3.84
N VAL A 74 -0.49 3.30 -3.52
CA VAL A 74 -0.33 1.97 -4.12
C VAL A 74 -0.46 0.94 -2.99
N ALA A 75 -1.38 -0.01 -3.15
CA ALA A 75 -1.61 -1.00 -2.10
C ALA A 75 -1.51 -2.40 -2.69
N GLU A 76 -0.78 -3.27 -2.02
CA GLU A 76 -0.77 -4.69 -2.34
C GLU A 76 -1.78 -5.31 -1.38
N VAL A 77 -2.91 -5.78 -1.92
CA VAL A 77 -4.08 -6.12 -1.10
C VAL A 77 -4.31 -7.63 -1.05
N THR A 78 -3.28 -8.44 -1.30
CA THR A 78 -3.47 -9.89 -1.26
C THR A 78 -3.65 -10.39 0.18
N GLN A 79 -2.82 -9.92 1.09
CA GLN A 79 -2.90 -10.34 2.49
C GLN A 79 -3.91 -9.47 3.21
N PRO A 80 -4.97 -10.04 3.81
CA PRO A 80 -5.95 -9.18 4.49
C PRO A 80 -5.33 -8.41 5.65
N SER A 81 -5.74 -7.15 5.77
CA SER A 81 -5.12 -6.23 6.73
C SER A 81 -6.08 -5.10 7.06
N LEU A 82 -6.32 -4.88 8.36
CA LEU A 82 -7.15 -3.75 8.77
C LEU A 82 -6.52 -2.42 8.39
N GLY A 83 -5.20 -2.29 8.61
CA GLY A 83 -4.55 -1.03 8.33
C GLY A 83 -4.57 -0.68 6.85
N VAL A 84 -4.30 -1.66 6.00
CA VAL A 84 -4.35 -1.42 4.55
C VAL A 84 -5.76 -0.97 4.14
N GLY A 85 -6.78 -1.69 4.62
CA GLY A 85 -8.15 -1.28 4.29
C GLY A 85 -8.46 0.12 4.80
N TYR A 86 -8.02 0.42 6.02
CA TYR A 86 -8.27 1.73 6.60
C TYR A 86 -7.58 2.83 5.79
N GLU A 87 -6.32 2.58 5.39
CA GLU A 87 -5.63 3.55 4.55
C GLU A 87 -6.38 3.77 3.24
N LEU A 88 -6.89 2.70 2.64
CA LEU A 88 -7.66 2.85 1.41
C LEU A 88 -8.95 3.61 1.65
N GLY A 89 -9.63 3.36 2.77
CA GLY A 89 -10.86 4.10 3.05
C GLY A 89 -10.60 5.59 3.23
N ARG A 90 -9.57 5.93 3.98
CA ARG A 90 -9.23 7.34 4.15
C ARG A 90 -8.81 7.93 2.81
N ALA A 91 -8.07 7.15 2.00
CA ALA A 91 -7.59 7.71 0.74
C ALA A 91 -8.74 7.97 -0.22
N VAL A 92 -9.75 7.10 -0.24
CA VAL A 92 -10.92 7.37 -1.09
C VAL A 92 -11.59 8.67 -0.66
N ALA A 93 -11.74 8.87 0.63
CA ALA A 93 -12.41 10.07 1.10
C ALA A 93 -11.57 11.33 0.83
N PHE A 94 -10.25 11.19 0.74
CA PHE A 94 -9.34 12.25 0.32
C PHE A 94 -9.28 12.42 -1.20
N ASN A 95 -10.04 11.61 -1.94
CA ASN A 95 -10.12 11.60 -3.41
C ASN A 95 -8.74 11.35 -4.04
N LYS A 96 -8.04 10.35 -3.52
CA LYS A 96 -6.71 10.02 -4.00
C LYS A 96 -6.74 9.09 -5.22
N ARG A 97 -5.77 9.29 -6.10
CA ARG A 97 -5.40 8.28 -7.08
C ARG A 97 -4.90 7.02 -6.38
N ILE A 98 -5.54 5.88 -6.67
CA ILE A 98 -5.30 4.64 -5.92
C ILE A 98 -5.10 3.49 -6.89
N LEU A 99 -4.05 2.71 -6.68
CA LEU A 99 -3.81 1.46 -7.39
C LEU A 99 -3.67 0.33 -6.38
N CYS A 100 -4.55 -0.67 -6.47
CA CYS A 100 -4.45 -1.89 -5.69
C CYS A 100 -3.98 -3.05 -6.56
N LEU A 101 -3.15 -3.90 -5.99
CA LEU A 101 -2.58 -5.03 -6.69
C LEU A 101 -2.91 -6.29 -5.92
N PHE A 102 -3.53 -7.26 -6.59
CA PHE A 102 -4.02 -8.48 -5.96
C PHE A 102 -3.53 -9.70 -6.72
N ARG A 103 -3.11 -10.73 -5.98
CA ARG A 103 -2.62 -11.94 -6.62
C ARG A 103 -3.66 -13.04 -6.54
N PRO A 104 -4.35 -13.39 -7.63
CA PRO A 104 -5.30 -14.50 -7.59
C PRO A 104 -4.68 -15.84 -7.21
N GLN A 105 -3.38 -16.03 -7.43
CA GLN A 105 -2.80 -17.32 -7.11
C GLN A 105 -2.73 -17.54 -5.59
N SER A 106 -3.03 -16.50 -4.81
CA SER A 106 -3.22 -16.67 -3.37
C SER A 106 -4.34 -17.63 -3.01
N GLY A 107 -5.25 -17.92 -3.96
CA GLY A 107 -6.42 -18.69 -3.66
C GLY A 107 -7.53 -17.95 -2.92
N ARG A 108 -7.30 -16.70 -2.52
CA ARG A 108 -8.32 -15.89 -1.87
C ARG A 108 -9.21 -15.20 -2.90
N VAL A 109 -10.42 -14.84 -2.47
CA VAL A 109 -11.27 -13.91 -3.20
C VAL A 109 -11.12 -12.54 -2.52
N LEU A 110 -10.72 -11.54 -3.30
CA LEU A 110 -10.49 -10.21 -2.74
C LEU A 110 -11.78 -9.61 -2.20
N SER A 111 -11.67 -8.99 -1.03
CA SER A 111 -12.71 -8.17 -0.40
C SER A 111 -13.61 -7.49 -1.43
N ALA A 112 -14.93 -7.62 -1.26
CA ALA A 112 -15.83 -6.89 -2.15
C ALA A 112 -15.76 -5.39 -1.89
N MET A 113 -15.30 -4.99 -0.71
CA MET A 113 -15.26 -3.56 -0.42
C MET A 113 -14.09 -2.90 -1.14
N ILE A 114 -13.06 -3.68 -1.49
CA ILE A 114 -11.96 -3.17 -2.30
C ILE A 114 -12.21 -3.40 -3.79
N ARG A 115 -12.58 -4.63 -4.17
CA ARG A 115 -12.89 -4.87 -5.58
C ARG A 115 -14.00 -3.94 -6.07
N GLY A 116 -15.04 -3.75 -5.24
CA GLY A 116 -16.17 -2.94 -5.63
C GLY A 116 -15.98 -1.46 -5.46
N ALA A 117 -14.90 -1.02 -4.80
CA ALA A 117 -14.55 0.40 -4.75
C ALA A 117 -13.97 0.88 -6.08
N ALA A 118 -13.53 -0.05 -6.92
CA ALA A 118 -12.85 0.32 -8.15
C ALA A 118 -13.81 0.96 -9.15
N ASP A 119 -13.30 1.94 -9.88
CA ASP A 119 -14.00 2.54 -10.99
C ASP A 119 -13.18 2.48 -12.27
N GLY A 120 -12.04 1.77 -12.25
CA GLY A 120 -11.25 1.54 -13.44
C GLY A 120 -10.41 2.72 -13.88
N SER A 121 -10.40 3.80 -13.11
CA SER A 121 -9.62 4.98 -13.45
C SER A 121 -8.90 5.52 -12.22
N ARG A 122 -9.61 6.27 -11.38
CA ARG A 122 -8.98 6.84 -10.20
C ARG A 122 -8.79 5.80 -9.08
N PHE A 123 -9.67 4.81 -9.00
CA PHE A 123 -9.47 3.68 -8.09
C PHE A 123 -9.42 2.43 -8.96
N GLN A 124 -8.25 1.84 -9.08
CA GLN A 124 -8.05 0.71 -9.98
C GLN A 124 -7.59 -0.49 -9.17
N VAL A 125 -8.12 -1.67 -9.49
CA VAL A 125 -7.68 -2.92 -8.87
C VAL A 125 -7.22 -3.86 -9.97
N TRP A 126 -5.94 -4.24 -9.93
CA TRP A 126 -5.37 -5.13 -10.95
C TRP A 126 -5.00 -6.48 -10.34
N ASP A 127 -5.50 -7.55 -10.97
CA ASP A 127 -4.95 -8.87 -10.72
C ASP A 127 -3.59 -9.01 -11.39
N TYR A 128 -2.71 -9.77 -10.76
CA TYR A 128 -1.39 -9.99 -11.35
C TYR A 128 -0.76 -11.23 -10.74
N GLU A 129 0.22 -11.76 -11.45
CA GLU A 129 1.11 -12.79 -10.94
C GLU A 129 2.45 -12.17 -10.57
N GLU A 130 3.12 -12.77 -9.58
CA GLU A 130 4.19 -12.04 -8.89
C GLU A 130 5.31 -11.64 -9.84
N GLY A 131 5.61 -12.46 -10.84
CA GLY A 131 6.74 -12.17 -11.72
C GLY A 131 6.59 -10.92 -12.57
N GLU A 132 5.38 -10.41 -12.75
CA GLU A 132 5.14 -9.32 -13.68
C GLU A 132 4.87 -7.99 -12.98
N VAL A 133 5.29 -7.84 -11.73
CA VAL A 133 4.90 -6.64 -10.99
C VAL A 133 5.63 -5.41 -11.53
N GLU A 134 6.88 -5.55 -11.95
CA GLU A 134 7.60 -4.39 -12.48
C GLU A 134 6.98 -3.91 -13.79
N ALA A 135 6.64 -4.85 -14.69
CA ALA A 135 6.05 -4.46 -15.97
C ALA A 135 4.74 -3.70 -15.75
N LEU A 136 3.92 -4.15 -14.79
CA LEU A 136 2.66 -3.48 -14.55
C LEU A 136 2.86 -2.08 -13.99
N LEU A 137 3.83 -1.92 -13.09
CA LEU A 137 4.05 -0.58 -12.54
C LEU A 137 4.59 0.37 -13.60
N ASP A 138 5.47 -0.14 -14.49
CA ASP A 138 5.93 0.68 -15.60
C ASP A 138 4.75 1.16 -16.43
N ARG A 139 3.80 0.26 -16.69
CA ARG A 139 2.63 0.60 -17.48
C ARG A 139 1.77 1.64 -16.77
N TYR A 140 1.56 1.48 -15.47
CA TYR A 140 0.72 2.40 -14.73
C TYR A 140 1.33 3.80 -14.65
N PHE A 141 2.65 3.90 -14.51
CA PHE A 141 3.30 5.20 -14.36
C PHE A 141 3.83 5.77 -15.67
N GLU A 142 3.45 5.19 -16.80
CA GLU A 142 3.89 5.71 -18.10
C GLU A 142 2.79 6.55 -18.75
C2 A1BBE B . 2.62 -0.24 12.33
C4 A1BBE B . 2.83 0.98 10.38
C5 A1BBE B . 4.20 0.89 10.46
C01 A1BBE B . 0.61 -0.54 6.21
C02 A1BBE B . -0.39 -0.73 7.02
C03 A1BBE B . -0.56 -2.25 7.45
C04 A1BBE B . -0.05 0.14 8.36
C05 A1BBE B . 1.20 2.21 8.66
C12 A1BBE B . 1.33 0.89 6.71
C6 A1BBE B . 4.75 0.16 11.53
C8 A1BBE B . 3.81 2.03 8.66
C9 A1BBE B . 2.56 1.72 9.19
N01 A1BBE B . 0.52 1.36 7.67
N1 A1BBE B . 3.95 -0.34 12.44
N3 A1BBE B . 2.05 0.41 11.31
N6 A1BBE B . 6.20 0.04 11.66
N7 A1BBE B . 4.76 1.52 9.41
O01 A1BBE B . 0.17 -0.33 4.85
O02 A1BBE B . -1.64 -2.31 8.36
O03 A1BBE B . -1.51 -4.83 8.67
O04 A1BBE B . -3.03 -3.48 10.15
O05 A1BBE B . -0.53 -3.33 10.41
P01 A1BBE B . -1.69 -3.54 9.46
#